data_2D17
#
_entry.id   2D17
#
loop_
_entity.id
_entity.type
_entity.pdbx_description
1 polymer "5'-R(*CP*GP*GP*CP*AP*AP*GP*AP*GP*GP*CP*GP*AP*CP*CP*C)-3'"
2 polymer "5'-R(*GP*GP*GP*UP*CP*GP*GP*CP*UP*UP*GP*CP*UP*G)-3'"
#
loop_
_entity_poly.entity_id
_entity_poly.type
_entity_poly.pdbx_seq_one_letter_code
_entity_poly.pdbx_strand_id
1 'polyribonucleotide' CGGCAAGAGGCGACCC A
2 'polyribonucleotide' GGGUCGGCUUGCUG B
#
loop_
_chem_comp.id
_chem_comp.type
_chem_comp.name
_chem_comp.formula
A RNA linking ADENOSINE-5'-MONOPHOSPHATE 'C10 H14 N5 O7 P'
C RNA linking CYTIDINE-5'-MONOPHOSPHATE 'C9 H14 N3 O8 P'
G RNA linking GUANOSINE-5'-MONOPHOSPHATE 'C10 H14 N5 O8 P'
U RNA linking URIDINE-5'-MONOPHOSPHATE 'C9 H13 N2 O9 P'
#